data_4MKI
#
_entry.id   4MKI
#
_cell.length_a   110.229
_cell.length_b   115.163
_cell.length_c   54.416
_cell.angle_alpha   90.00
_cell.angle_beta   90.00
_cell.angle_gamma   90.00
#
_symmetry.space_group_name_H-M   'P 21 21 2'
#
loop_
_entity.id
_entity.type
_entity.pdbx_description
1 polymer 'Energy-coupling factor transporter ATP-binding protein EcfA2'
2 non-polymer 'SULFATE ION'
3 non-polymer DODECYL-BETA-D-MALTOSIDE
4 water water
#
_entity_poly.entity_id   1
_entity_poly.type   'polypeptide(L)'
_entity_poly.pdbx_seq_one_letter_code
;MGRPMPIKVENVSFIYNEGTPYATVALKDINFSIDDEEFVGIIGHTGSGKSTLIQQLNGLLKPSKGKIYINGIDITDKKV
SLKDIRKQVGLVFQYPEYQLFEETVFKDIAFGPSNLGLSEEEVKERVYEAMEIVGISKELADKSPFELSGGQKRRVAIAG
ILAMRPKILILDEPTAGLDPKGKQEILNKIKEIHDKYKMITILVSHNMEDIARIADKIIVMNRGKIELIGTPREVFREAE
RLEKIGLSVPQITSLARELRKRGVPIPPDVLTIEEAKEHILRYLRGTKNVLEHHHHHH
;
_entity_poly.pdbx_strand_id   B,A
#
# COMPACT_ATOMS: atom_id res chain seq x y z
N MET A 5 -0.36 -33.72 6.50
CA MET A 5 -0.47 -32.43 5.74
C MET A 5 -1.50 -31.45 6.41
N PRO A 6 -1.03 -30.35 7.01
CA PRO A 6 -1.95 -29.55 7.82
C PRO A 6 -3.06 -28.89 7.01
N ILE A 7 -2.81 -28.58 5.74
CA ILE A 7 -3.84 -27.97 4.92
C ILE A 7 -3.95 -28.69 3.59
N LYS A 8 -5.15 -29.12 3.28
CA LYS A 8 -5.44 -29.79 2.03
C LYS A 8 -6.75 -29.25 1.51
N VAL A 9 -6.75 -28.74 0.28
CA VAL A 9 -7.94 -28.18 -0.30
C VAL A 9 -8.23 -29.06 -1.50
N GLU A 10 -9.43 -29.65 -1.54
CA GLU A 10 -9.75 -30.55 -2.68
C GLU A 10 -10.93 -30.13 -3.49
N ASN A 11 -10.63 -29.90 -4.74
CA ASN A 11 -11.64 -29.55 -5.70
C ASN A 11 -12.65 -28.51 -5.26
N VAL A 12 -12.15 -27.39 -4.75
CA VAL A 12 -13.05 -26.40 -4.19
C VAL A 12 -13.50 -25.39 -5.20
N SER A 13 -14.80 -25.09 -5.20
CA SER A 13 -15.33 -23.98 -5.95
C SER A 13 -16.15 -23.15 -5.00
N PHE A 14 -16.41 -21.89 -5.37
CA PHE A 14 -17.30 -21.04 -4.59
C PHE A 14 -18.07 -20.12 -5.50
N ILE A 15 -19.35 -19.87 -5.17
CA ILE A 15 -20.22 -19.03 -5.99
C ILE A 15 -20.84 -17.94 -5.14
N TYR A 16 -20.66 -16.69 -5.54
CA TYR A 16 -21.33 -15.58 -4.87
C TYR A 16 -22.78 -15.54 -5.37
N ASN A 17 -23.68 -15.10 -4.51
CA ASN A 17 -25.11 -15.13 -4.79
C ASN A 17 -25.51 -16.46 -5.42
N GLU A 18 -25.16 -17.60 -4.81
CA GLU A 18 -25.53 -18.92 -5.34
C GLU A 18 -27.05 -19.14 -5.64
N GLY A 19 -27.93 -18.40 -5.00
CA GLY A 19 -29.35 -18.29 -5.49
C GLY A 19 -29.71 -18.78 -6.91
N THR A 20 -29.83 -17.99 -7.98
CA THR A 20 -29.91 -16.53 -8.07
C THR A 20 -29.31 -16.25 -9.45
N PRO A 21 -29.96 -15.37 -10.23
CA PRO A 21 -29.45 -15.05 -11.57
C PRO A 21 -28.26 -14.10 -11.57
N TYR A 22 -27.94 -13.51 -10.42
CA TYR A 22 -26.71 -12.74 -10.23
C TYR A 22 -25.49 -13.62 -9.82
N ALA A 23 -25.66 -14.95 -9.86
CA ALA A 23 -24.63 -15.89 -9.38
C ALA A 23 -23.29 -15.69 -10.07
N THR A 24 -22.20 -15.81 -9.31
CA THR A 24 -20.86 -15.58 -9.88
C THR A 24 -19.88 -16.54 -9.29
N VAL A 25 -19.27 -17.33 -10.14
CA VAL A 25 -18.21 -18.21 -9.73
C VAL A 25 -16.90 -17.45 -9.42
N ALA A 26 -16.44 -17.52 -8.18
CA ALA A 26 -15.26 -16.80 -7.73
C ALA A 26 -14.06 -17.71 -7.60
N LEU A 27 -14.32 -18.99 -7.32
CA LEU A 27 -13.31 -20.02 -7.16
C LEU A 27 -13.75 -21.22 -7.98
N LYS A 28 -12.82 -21.81 -8.72
CA LYS A 28 -13.14 -22.88 -9.63
C LYS A 28 -12.08 -23.97 -9.50
N ASP A 29 -12.48 -25.11 -8.94
CA ASP A 29 -11.64 -26.31 -8.91
C ASP A 29 -10.24 -26.07 -8.30
N ILE A 30 -10.21 -25.55 -7.09
CA ILE A 30 -8.98 -25.25 -6.40
C ILE A 30 -8.44 -26.52 -5.79
N ASN A 31 -7.19 -26.83 -6.06
CA ASN A 31 -6.49 -27.97 -5.43
C ASN A 31 -5.08 -27.54 -5.00
N PHE A 32 -4.73 -27.74 -3.73
CA PHE A 32 -3.32 -27.56 -3.29
C PHE A 32 -3.22 -28.09 -1.90
N SER A 33 -2.01 -28.12 -1.39
CA SER A 33 -1.83 -28.48 0.00
C SER A 33 -0.68 -27.66 0.54
N ILE A 34 -0.64 -27.50 1.85
CA ILE A 34 0.42 -26.77 2.47
C ILE A 34 1.01 -27.59 3.58
N ASP A 35 2.33 -27.72 3.59
CA ASP A 35 2.99 -28.58 4.52
C ASP A 35 3.28 -27.86 5.84
N ASP A 36 3.66 -28.64 6.82
CA ASP A 36 4.12 -28.13 8.12
C ASP A 36 5.17 -27.05 7.93
N GLU A 37 5.02 -25.98 8.70
CA GLU A 37 6.07 -24.95 8.82
C GLU A 37 6.35 -24.13 7.52
N GLU A 38 5.41 -24.18 6.57
CA GLU A 38 5.64 -23.45 5.31
C GLU A 38 5.15 -22.02 5.39
N PHE A 39 5.93 -21.10 4.85
CA PHE A 39 5.49 -19.73 4.69
C PHE A 39 4.97 -19.64 3.27
N VAL A 40 3.68 -19.37 3.14
CA VAL A 40 3.04 -19.28 1.84
C VAL A 40 2.58 -17.89 1.47
N GLY A 41 2.88 -17.50 0.24
CA GLY A 41 2.41 -16.21 -0.35
C GLY A 41 1.32 -16.49 -1.36
N ILE A 42 0.27 -15.66 -1.32
CA ILE A 42 -0.82 -15.78 -2.28
C ILE A 42 -0.86 -14.43 -3.01
N ILE A 43 -0.71 -14.49 -4.34
CA ILE A 43 -0.72 -13.32 -5.19
C ILE A 43 -1.71 -13.52 -6.33
N GLY A 44 -2.16 -12.42 -6.90
CA GLY A 44 -3.08 -12.49 -8.02
C GLY A 44 -3.82 -11.20 -8.17
N HIS A 45 -4.32 -10.95 -9.38
CA HIS A 45 -4.94 -9.68 -9.70
C HIS A 45 -6.15 -9.44 -8.86
N THR A 46 -6.57 -8.18 -8.82
CA THR A 46 -7.80 -7.79 -8.13
C THR A 46 -8.93 -8.59 -8.71
N GLY A 47 -9.69 -9.29 -7.84
CA GLY A 47 -10.81 -10.16 -8.25
C GLY A 47 -10.44 -11.58 -8.69
N SER A 48 -9.21 -12.01 -8.47
CA SER A 48 -8.77 -13.32 -8.86
C SER A 48 -9.20 -14.36 -7.83
N GLY A 49 -9.75 -13.92 -6.70
CA GLY A 49 -10.27 -14.85 -5.72
C GLY A 49 -9.46 -15.11 -4.49
N LYS A 50 -8.51 -14.25 -4.22
CA LYS A 50 -7.66 -14.41 -3.03
C LYS A 50 -8.43 -14.33 -1.71
N SER A 51 -9.22 -13.28 -1.58
CA SER A 51 -9.99 -13.09 -0.39
C SER A 51 -11.03 -14.20 -0.19
N THR A 52 -11.65 -14.59 -1.29
CA THR A 52 -12.62 -15.62 -1.22
C THR A 52 -11.99 -16.92 -0.73
N LEU A 53 -10.80 -17.25 -1.26
CA LEU A 53 -10.05 -18.42 -0.83
C LEU A 53 -9.74 -18.43 0.66
N ILE A 54 -9.16 -17.36 1.18
CA ILE A 54 -8.78 -17.40 2.56
C ILE A 54 -9.96 -17.52 3.46
N GLN A 55 -11.11 -16.99 3.07
CA GLN A 55 -12.26 -17.14 3.89
C GLN A 55 -12.77 -18.58 3.88
N GLN A 56 -12.43 -19.36 2.85
CA GLN A 56 -12.75 -20.78 2.93
C GLN A 56 -11.95 -21.48 4.02
N LEU A 57 -10.69 -21.06 4.15
CA LEU A 57 -9.76 -21.74 5.05
C LEU A 57 -10.13 -21.55 6.51
N ASN A 58 -10.87 -20.52 6.87
CA ASN A 58 -11.19 -20.36 8.33
C ASN A 58 -12.67 -20.49 8.56
N GLY A 59 -13.36 -20.94 7.54
CA GLY A 59 -14.75 -21.25 7.65
C GLY A 59 -15.69 -20.07 7.58
N LEU A 60 -15.23 -18.87 7.23
CA LEU A 60 -16.17 -17.74 7.08
C LEU A 60 -17.01 -17.89 5.84
N LEU A 61 -16.51 -18.65 4.89
CA LEU A 61 -17.33 -19.05 3.75
C LEU A 61 -17.26 -20.56 3.71
N LYS A 62 -18.29 -21.19 3.19
CA LYS A 62 -18.29 -22.63 2.93
C LYS A 62 -18.21 -22.82 1.38
N PRO A 63 -17.41 -23.79 0.90
CA PRO A 63 -17.32 -24.11 -0.51
C PRO A 63 -18.65 -24.55 -1.12
N SER A 64 -18.91 -24.16 -2.37
CA SER A 64 -20.06 -24.60 -3.18
C SER A 64 -19.93 -26.06 -3.47
N LYS A 65 -18.67 -26.50 -3.57
CA LYS A 65 -18.28 -27.86 -3.83
C LYS A 65 -16.86 -28.04 -3.31
N GLY A 66 -16.57 -29.25 -2.87
CA GLY A 66 -15.22 -29.66 -2.59
C GLY A 66 -15.01 -29.66 -1.11
N LYS A 67 -13.80 -29.95 -0.69
CA LYS A 67 -13.50 -30.15 0.70
C LYS A 67 -12.22 -29.42 1.07
N ILE A 68 -12.10 -29.07 2.36
CA ILE A 68 -10.93 -28.49 2.96
C ILE A 68 -10.58 -29.18 4.28
N TYR A 69 -9.39 -29.75 4.37
CA TYR A 69 -8.94 -30.48 5.51
C TYR A 69 -7.93 -29.66 6.26
N ILE A 70 -8.21 -29.39 7.53
CA ILE A 70 -7.28 -28.75 8.40
C ILE A 70 -6.84 -29.75 9.42
N ASN A 71 -5.53 -30.01 9.47
CA ASN A 71 -4.96 -31.02 10.34
C ASN A 71 -5.79 -32.27 10.26
N GLY A 72 -6.15 -32.71 9.04
CA GLY A 72 -6.89 -33.94 8.80
C GLY A 72 -8.41 -33.87 8.93
N ILE A 73 -8.94 -32.75 9.43
CA ILE A 73 -10.38 -32.60 9.70
C ILE A 73 -11.07 -31.84 8.59
N ASP A 74 -12.08 -32.45 7.99
CA ASP A 74 -12.86 -31.77 6.96
C ASP A 74 -13.69 -30.66 7.60
N ILE A 75 -13.21 -29.41 7.48
CA ILE A 75 -13.91 -28.29 8.15
C ILE A 75 -15.19 -27.94 7.46
N THR A 76 -15.42 -28.48 6.28
CA THR A 76 -16.70 -28.27 5.58
C THR A 76 -17.83 -29.21 6.07
N ASP A 77 -17.52 -30.18 6.94
CA ASP A 77 -18.57 -31.03 7.51
C ASP A 77 -19.37 -30.20 8.48
N LYS A 78 -20.70 -30.31 8.36
CA LYS A 78 -21.62 -29.65 9.28
C LYS A 78 -21.28 -29.95 10.75
N LYS A 79 -20.67 -31.09 11.04
CA LYS A 79 -20.25 -31.44 12.42
C LYS A 79 -19.14 -30.54 13.04
N VAL A 80 -18.50 -29.69 12.23
CA VAL A 80 -17.38 -28.85 12.70
C VAL A 80 -17.81 -27.38 12.81
N SER A 81 -17.72 -26.82 14.03
CA SER A 81 -18.20 -25.45 14.31
C SER A 81 -17.20 -24.40 13.88
N LEU A 82 -17.59 -23.13 13.90
CA LEU A 82 -16.61 -22.04 13.71
C LEU A 82 -15.58 -21.98 14.83
N LYS A 83 -15.99 -22.36 16.03
CA LYS A 83 -15.09 -22.23 17.16
C LYS A 83 -13.97 -23.21 16.93
N ASP A 84 -14.32 -24.46 16.61
CA ASP A 84 -13.30 -25.47 16.35
C ASP A 84 -12.29 -24.91 15.35
N ILE A 85 -12.79 -24.26 14.29
CA ILE A 85 -11.90 -23.78 13.24
C ILE A 85 -10.99 -22.65 13.74
N ARG A 86 -11.53 -21.76 14.58
CA ARG A 86 -10.75 -20.62 15.11
C ARG A 86 -9.61 -20.98 16.05
N LYS A 87 -9.64 -22.21 16.56
CA LYS A 87 -8.53 -22.72 17.36
C LYS A 87 -7.34 -23.13 16.51
N GLN A 88 -7.59 -23.40 15.23
CA GLN A 88 -6.56 -23.86 14.32
C GLN A 88 -6.10 -22.73 13.36
N VAL A 89 -7.02 -21.89 12.91
CA VAL A 89 -6.72 -20.87 11.89
C VAL A 89 -7.02 -19.47 12.43
N GLY A 90 -6.03 -18.61 12.50
CA GLY A 90 -6.32 -17.18 12.69
C GLY A 90 -6.29 -16.41 11.37
N LEU A 91 -7.15 -15.41 11.22
CA LEU A 91 -7.20 -14.64 9.98
C LEU A 91 -7.16 -13.19 10.35
N VAL A 92 -6.13 -12.49 9.86
CA VAL A 92 -5.99 -11.04 10.05
C VAL A 92 -6.29 -10.32 8.75
N PHE A 93 -7.39 -9.58 8.73
CA PHE A 93 -7.81 -8.80 7.56
C PHE A 93 -7.03 -7.53 7.43
N GLN A 94 -7.14 -6.91 6.28
CA GLN A 94 -6.55 -5.62 6.03
C GLN A 94 -7.03 -4.58 6.97
N TYR A 95 -6.12 -3.71 7.38
CA TYR A 95 -6.49 -2.60 8.27
C TYR A 95 -7.34 -3.10 9.44
N PRO A 96 -6.83 -4.06 10.23
CA PRO A 96 -7.63 -4.67 11.28
C PRO A 96 -7.86 -3.70 12.40
N GLU A 97 -7.09 -2.62 12.44
CA GLU A 97 -7.35 -1.56 13.39
C GLU A 97 -8.74 -0.89 13.29
N TYR A 98 -9.36 -0.86 12.09
CA TYR A 98 -10.71 -0.26 11.94
C TYR A 98 -11.82 -1.20 12.37
N GLN A 99 -11.50 -2.36 12.87
CA GLN A 99 -12.52 -3.10 13.56
C GLN A 99 -12.86 -2.30 14.82
N LEU A 100 -14.04 -2.52 15.38
CA LEU A 100 -14.36 -2.01 16.72
C LEU A 100 -13.57 -2.79 17.78
N PHE A 101 -13.46 -2.16 18.92
CA PHE A 101 -12.63 -2.63 19.98
C PHE A 101 -13.48 -2.65 21.25
N GLU A 102 -13.03 -3.44 22.21
CA GLU A 102 -13.57 -3.47 23.55
C GLU A 102 -13.02 -2.25 24.26
N GLU A 103 -13.34 -2.15 25.53
CA GLU A 103 -13.18 -0.93 26.32
C GLU A 103 -11.72 -0.64 26.60
N THR A 104 -10.92 -1.70 26.78
CA THR A 104 -9.49 -1.58 27.10
C THR A 104 -8.70 -2.52 26.21
N VAL A 105 -7.40 -2.26 26.10
CA VAL A 105 -6.52 -3.14 25.35
C VAL A 105 -6.59 -4.55 25.91
N PHE A 106 -6.51 -4.68 27.24
CA PHE A 106 -6.55 -6.04 27.88
C PHE A 106 -7.85 -6.73 27.53
N LYS A 107 -8.97 -6.01 27.66
CA LYS A 107 -10.25 -6.65 27.33
C LYS A 107 -10.38 -7.04 25.88
N ASP A 108 -9.89 -6.19 24.97
CA ASP A 108 -9.98 -6.54 23.58
C ASP A 108 -9.17 -7.79 23.26
N ILE A 109 -7.91 -7.87 23.72
CA ILE A 109 -7.07 -9.08 23.52
C ILE A 109 -7.66 -10.31 24.22
N ALA A 110 -8.37 -10.09 25.32
CA ALA A 110 -8.91 -11.19 26.14
C ALA A 110 -10.21 -11.75 25.58
N PHE A 111 -10.81 -11.02 24.66
CA PHE A 111 -12.14 -11.38 24.18
C PHE A 111 -12.20 -12.80 23.71
N GLY A 112 -11.36 -13.12 22.75
CA GLY A 112 -11.36 -14.44 22.15
C GLY A 112 -11.12 -15.54 23.16
N PRO A 113 -10.03 -15.47 23.90
CA PRO A 113 -9.78 -16.52 24.90
C PRO A 113 -10.84 -16.62 26.04
N SER A 114 -11.50 -15.52 26.39
CA SER A 114 -12.59 -15.59 27.37
C SER A 114 -13.84 -16.25 26.80
N ASN A 115 -14.13 -15.98 25.53
CA ASN A 115 -15.20 -16.68 24.84
C ASN A 115 -14.93 -18.17 24.81
N LEU A 116 -13.66 -18.56 24.95
CA LEU A 116 -13.27 -19.97 25.08
C LEU A 116 -13.47 -20.52 26.51
N GLY A 117 -14.29 -19.84 27.32
CA GLY A 117 -14.48 -20.25 28.71
C GLY A 117 -13.16 -19.98 29.42
N LEU A 118 -12.43 -21.06 29.70
CA LEU A 118 -10.98 -21.01 29.94
C LEU A 118 -10.59 -20.24 31.20
N SER A 119 -9.74 -20.86 32.01
CA SER A 119 -9.33 -20.25 33.27
C SER A 119 -8.87 -18.84 33.02
N GLU A 120 -9.45 -17.93 33.79
CA GLU A 120 -9.18 -16.52 33.60
C GLU A 120 -7.77 -16.13 34.04
N GLU A 121 -7.19 -16.90 34.94
CA GLU A 121 -5.73 -16.88 35.15
C GLU A 121 -4.96 -17.15 33.82
N GLU A 122 -5.46 -18.10 33.01
CA GLU A 122 -4.81 -18.41 31.73
C GLU A 122 -5.13 -17.43 30.59
N VAL A 123 -6.31 -16.82 30.61
CA VAL A 123 -6.59 -15.69 29.74
C VAL A 123 -5.50 -14.63 29.94
N LYS A 124 -5.24 -14.28 31.20
CA LYS A 124 -4.24 -13.26 31.51
C LYS A 124 -2.87 -13.59 30.94
N GLU A 125 -2.48 -14.86 31.00
CA GLU A 125 -1.19 -15.28 30.46
C GLU A 125 -1.20 -15.14 28.96
N ARG A 126 -2.28 -15.56 28.31
CA ARG A 126 -2.38 -15.48 26.85
C ARG A 126 -2.34 -14.01 26.38
N VAL A 127 -2.99 -13.12 27.12
CA VAL A 127 -3.05 -11.71 26.80
C VAL A 127 -1.67 -11.09 26.90
N TYR A 128 -0.99 -11.32 28.01
CA TYR A 128 0.33 -10.73 28.24
C TYR A 128 1.40 -11.33 27.35
N GLU A 129 1.27 -12.62 27.06
CA GLU A 129 2.18 -13.22 26.08
C GLU A 129 1.98 -12.54 24.70
N ALA A 130 0.71 -12.37 24.30
CA ALA A 130 0.39 -11.82 23.00
C ALA A 130 0.90 -10.38 22.92
N MET A 131 0.69 -9.62 23.99
CA MET A 131 1.17 -8.25 24.02
C MET A 131 2.67 -8.16 23.80
N GLU A 132 3.42 -9.05 24.43
CA GLU A 132 4.88 -9.05 24.32
C GLU A 132 5.27 -9.34 22.87
N ILE A 133 4.65 -10.36 22.31
CA ILE A 133 4.99 -10.77 20.96
C ILE A 133 4.81 -9.66 19.95
N VAL A 134 3.70 -8.92 20.00
CA VAL A 134 3.44 -7.85 19.03
C VAL A 134 4.07 -6.52 19.44
N GLY A 135 4.78 -6.49 20.54
CA GLY A 135 5.53 -5.33 20.93
C GLY A 135 4.69 -4.19 21.48
N ILE A 136 3.73 -4.48 22.36
CA ILE A 136 3.10 -3.41 23.08
C ILE A 136 3.26 -3.58 24.58
N SER A 137 3.69 -2.49 25.21
CA SER A 137 3.93 -2.46 26.64
C SER A 137 2.75 -2.91 27.47
N LYS A 138 3.09 -3.63 28.51
CA LYS A 138 2.14 -4.07 29.54
C LYS A 138 1.36 -2.89 30.19
N GLU A 139 1.94 -1.71 30.14
CA GLU A 139 1.35 -0.50 30.68
C GLU A 139 0.23 0.09 29.82
N LEU A 140 0.02 -0.45 28.62
CA LEU A 140 -1.10 -0.04 27.79
C LEU A 140 -2.35 -0.89 28.05
N ALA A 141 -2.25 -1.88 28.92
CA ALA A 141 -3.32 -2.86 29.10
C ALA A 141 -4.67 -2.25 29.53
N ASP A 142 -4.61 -1.18 30.30
CA ASP A 142 -5.78 -0.52 30.82
C ASP A 142 -6.27 0.60 29.91
N LYS A 143 -5.50 0.94 28.87
CA LYS A 143 -5.88 2.03 28.02
C LYS A 143 -7.04 1.64 27.13
N SER A 144 -7.84 2.63 26.77
CA SER A 144 -8.86 2.45 25.78
C SER A 144 -8.17 2.53 24.42
N PRO A 145 -8.51 1.65 23.49
CA PRO A 145 -7.89 1.61 22.18
C PRO A 145 -7.90 2.91 21.34
N PHE A 146 -8.84 3.82 21.62
CA PHE A 146 -8.98 5.03 20.87
C PHE A 146 -7.89 6.05 21.24
N GLU A 147 -7.14 5.74 22.27
CA GLU A 147 -6.09 6.61 22.73
C GLU A 147 -4.80 6.14 22.15
N LEU A 148 -4.84 5.11 21.31
CA LEU A 148 -3.62 4.54 20.73
C LEU A 148 -3.41 5.04 19.30
N SER A 149 -2.16 5.01 18.85
CA SER A 149 -1.86 5.25 17.48
C SER A 149 -2.43 4.14 16.55
N GLY A 150 -2.57 4.48 15.28
CA GLY A 150 -3.01 3.50 14.26
C GLY A 150 -2.18 2.23 14.25
N GLY A 151 -0.85 2.41 14.35
CA GLY A 151 0.05 1.28 14.42
C GLY A 151 -0.07 0.43 15.69
N GLN A 152 -0.33 1.11 16.78
CA GLN A 152 -0.59 0.43 18.04
C GLN A 152 -1.91 -0.33 18.02
N LYS A 153 -2.92 0.28 17.41
CA LYS A 153 -4.18 -0.39 17.26
C LYS A 153 -3.99 -1.64 16.42
N ARG A 154 -3.15 -1.57 15.39
CA ARG A 154 -2.95 -2.73 14.51
C ARG A 154 -2.28 -3.87 15.27
N ARG A 155 -1.33 -3.52 16.12
CA ARG A 155 -0.68 -4.48 17.05
C ARG A 155 -1.68 -5.17 17.98
N VAL A 156 -2.58 -4.38 18.58
CA VAL A 156 -3.57 -4.93 19.46
C VAL A 156 -4.50 -5.88 18.74
N ALA A 157 -5.00 -5.45 17.56
CA ALA A 157 -5.88 -6.29 16.77
C ALA A 157 -5.20 -7.61 16.50
N ILE A 158 -3.91 -7.59 16.17
CA ILE A 158 -3.24 -8.85 15.83
C ILE A 158 -2.99 -9.72 17.08
N ALA A 159 -2.74 -9.09 18.20
CA ALA A 159 -2.56 -9.81 19.47
C ALA A 159 -3.84 -10.56 19.87
N GLY A 160 -5.01 -9.99 19.59
CA GLY A 160 -6.26 -10.67 19.81
C GLY A 160 -6.35 -12.01 19.08
N ILE A 161 -5.77 -12.11 17.89
CA ILE A 161 -5.80 -13.30 17.10
C ILE A 161 -4.76 -14.28 17.62
N LEU A 162 -3.55 -13.81 17.88
CA LEU A 162 -2.49 -14.65 18.42
C LEU A 162 -2.77 -15.18 19.84
N ALA A 163 -3.51 -14.44 20.64
CA ALA A 163 -3.90 -14.89 21.97
C ALA A 163 -4.66 -16.22 21.91
N MET A 164 -5.15 -16.60 20.72
CA MET A 164 -5.82 -17.89 20.52
C MET A 164 -4.81 -18.97 20.18
N ARG A 165 -3.54 -18.61 20.00
CA ARG A 165 -2.52 -19.59 19.67
C ARG A 165 -2.86 -20.51 18.46
N PRO A 166 -3.26 -19.93 17.33
CA PRO A 166 -3.50 -20.78 16.20
C PRO A 166 -2.18 -21.24 15.64
N LYS A 167 -2.18 -22.32 14.88
CA LYS A 167 -0.96 -22.84 14.30
C LYS A 167 -0.92 -22.50 12.79
N ILE A 168 -2.03 -22.01 12.26
CA ILE A 168 -2.11 -21.48 10.90
C ILE A 168 -2.47 -20.00 11.04
N LEU A 169 -1.69 -19.11 10.45
CA LEU A 169 -2.00 -17.71 10.56
C LEU A 169 -2.06 -17.11 9.18
N ILE A 170 -3.17 -16.45 8.88
CA ILE A 170 -3.41 -15.87 7.56
C ILE A 170 -3.43 -14.35 7.67
N LEU A 171 -2.61 -13.65 6.89
CA LEU A 171 -2.61 -12.19 6.94
C LEU A 171 -2.87 -11.62 5.56
N ASP A 172 -3.90 -10.82 5.44
CA ASP A 172 -4.15 -10.07 4.26
C ASP A 172 -3.47 -8.68 4.27
N GLU A 173 -2.52 -8.48 3.35
CA GLU A 173 -1.75 -7.26 3.19
C GLU A 173 -1.43 -6.52 4.53
N PRO A 174 -0.71 -7.17 5.43
CA PRO A 174 -0.37 -6.61 6.74
C PRO A 174 0.49 -5.36 6.71
N THR A 175 1.17 -5.07 5.60
CA THR A 175 1.99 -3.86 5.56
C THR A 175 1.21 -2.66 5.06
N ALA A 176 -0.08 -2.86 4.72
CA ALA A 176 -0.87 -1.79 4.13
C ALA A 176 -0.89 -0.49 4.96
N GLY A 177 -0.49 0.62 4.36
CA GLY A 177 -0.66 1.92 4.97
C GLY A 177 0.55 2.31 5.80
N LEU A 178 1.48 1.40 5.95
CA LEU A 178 2.61 1.67 6.79
C LEU A 178 3.75 2.35 6.09
N ASP A 179 4.56 3.07 6.87
CA ASP A 179 5.75 3.70 6.33
C ASP A 179 6.81 2.65 6.07
N PRO A 180 7.86 2.99 5.32
CA PRO A 180 8.79 1.94 5.01
C PRO A 180 9.44 1.22 6.15
N LYS A 181 9.71 1.90 7.24
CA LYS A 181 10.23 1.19 8.42
C LYS A 181 9.13 0.29 9.01
N GLY A 182 7.89 0.78 9.02
CA GLY A 182 6.79 0.04 9.51
C GLY A 182 6.64 -1.27 8.76
N LYS A 183 6.79 -1.19 7.46
CA LYS A 183 6.57 -2.33 6.61
C LYS A 183 7.59 -3.40 6.96
N GLN A 184 8.86 -3.00 7.04
CA GLN A 184 9.93 -3.98 7.38
C GLN A 184 9.72 -4.54 8.79
N GLU A 185 9.30 -3.70 9.71
CA GLU A 185 9.11 -4.19 11.07
C GLU A 185 7.98 -5.23 11.15
N ILE A 186 6.84 -4.99 10.51
CA ILE A 186 5.77 -5.97 10.62
C ILE A 186 6.20 -7.28 9.93
N LEU A 187 6.90 -7.20 8.80
CA LEU A 187 7.34 -8.42 8.13
C LEU A 187 8.36 -9.19 8.90
N ASN A 188 9.28 -8.47 9.55
CA ASN A 188 10.27 -9.14 10.42
C ASN A 188 9.60 -9.88 11.55
N LYS A 189 8.65 -9.23 12.23
CA LYS A 189 7.96 -9.89 13.33
C LYS A 189 7.10 -11.05 12.88
N ILE A 190 6.49 -10.94 11.71
CA ILE A 190 5.67 -12.04 11.18
C ILE A 190 6.56 -13.26 10.96
N LYS A 191 7.72 -13.05 10.37
CA LYS A 191 8.64 -14.12 10.11
C LYS A 191 9.23 -14.70 11.37
N GLU A 192 9.49 -13.84 12.32
CA GLU A 192 10.05 -14.25 13.58
C GLU A 192 9.07 -15.14 14.35
N ILE A 193 7.82 -14.74 14.39
CA ILE A 193 6.77 -15.55 15.05
C ILE A 193 6.55 -16.86 14.31
N HIS A 194 6.58 -16.79 12.97
CA HIS A 194 6.47 -18.00 12.14
C HIS A 194 7.53 -19.09 12.52
N ASP A 195 8.81 -18.70 12.50
CA ASP A 195 9.92 -19.63 12.80
C ASP A 195 9.85 -20.11 14.25
N LYS A 196 9.52 -19.23 15.17
CA LYS A 196 9.56 -19.56 16.57
C LYS A 196 8.46 -20.53 17.00
N TYR A 197 7.24 -20.31 16.54
CA TYR A 197 6.11 -21.12 16.92
C TYR A 197 5.77 -22.24 15.93
N LYS A 198 6.59 -22.42 14.88
CA LYS A 198 6.45 -23.54 13.94
C LYS A 198 5.10 -23.52 13.25
N MET A 199 4.77 -22.34 12.77
CA MET A 199 3.46 -22.07 12.22
C MET A 199 3.47 -22.43 10.77
N ILE A 200 2.25 -22.50 10.22
CA ILE A 200 2.03 -22.13 8.82
C ILE A 200 1.57 -20.69 8.79
N THR A 201 2.15 -19.89 7.92
CA THR A 201 1.70 -18.52 7.74
C THR A 201 1.35 -18.35 6.27
N ILE A 202 0.24 -17.65 6.03
CA ILE A 202 -0.23 -17.37 4.70
C ILE A 202 -0.36 -15.85 4.58
N LEU A 203 0.34 -15.27 3.60
CA LEU A 203 0.39 -13.80 3.41
C LEU A 203 -0.17 -13.50 2.04
N VAL A 204 -1.25 -12.75 1.99
CA VAL A 204 -1.83 -12.29 0.74
C VAL A 204 -1.33 -10.85 0.52
N SER A 205 -0.78 -10.61 -0.65
CA SER A 205 -0.12 -9.34 -0.92
C SER A 205 0.05 -9.03 -2.41
N HIS A 206 -0.06 -7.77 -2.72
CA HIS A 206 0.30 -7.22 -4.03
C HIS A 206 1.79 -6.78 -4.09
N ASN A 207 2.55 -6.96 -3.04
CA ASN A 207 3.96 -6.49 -3.10
C ASN A 207 4.86 -7.67 -3.42
N MET A 208 5.36 -7.69 -4.65
CA MET A 208 6.03 -8.82 -5.19
C MET A 208 7.39 -8.98 -4.50
N GLU A 209 8.06 -7.86 -4.23
CA GLU A 209 9.36 -7.80 -3.54
C GLU A 209 9.31 -8.42 -2.16
N ASP A 210 8.30 -8.06 -1.36
CA ASP A 210 8.17 -8.69 -0.04
C ASP A 210 7.89 -10.17 -0.17
N ILE A 211 6.96 -10.53 -1.03
CA ILE A 211 6.51 -11.94 -1.13
C ILE A 211 7.70 -12.81 -1.50
N ALA A 212 8.53 -12.30 -2.39
CA ALA A 212 9.73 -12.99 -2.84
C ALA A 212 10.79 -13.27 -1.80
N ARG A 213 10.98 -12.34 -0.87
CA ARG A 213 12.01 -12.50 0.17
C ARG A 213 11.57 -13.51 1.24
N ILE A 214 10.28 -13.52 1.56
CA ILE A 214 9.78 -14.14 2.77
C ILE A 214 9.14 -15.52 2.58
N ALA A 215 8.70 -15.86 1.37
CA ALA A 215 7.88 -17.07 1.15
C ALA A 215 8.71 -18.25 0.77
N ASP A 216 8.31 -19.42 1.25
CA ASP A 216 8.83 -20.72 0.77
C ASP A 216 8.07 -21.12 -0.49
N LYS A 217 6.77 -20.79 -0.56
CA LYS A 217 5.87 -21.24 -1.63
C LYS A 217 4.85 -20.16 -1.99
N ILE A 218 4.50 -20.03 -3.27
CA ILE A 218 3.59 -19.06 -3.70
C ILE A 218 2.47 -19.68 -4.51
N ILE A 219 1.24 -19.26 -4.23
CA ILE A 219 0.05 -19.63 -4.95
C ILE A 219 -0.37 -18.44 -5.76
N VAL A 220 -0.40 -18.60 -7.08
CA VAL A 220 -0.73 -17.51 -7.99
C VAL A 220 -2.13 -17.78 -8.50
N MET A 221 -3.04 -16.81 -8.27
CA MET A 221 -4.44 -16.92 -8.65
C MET A 221 -4.63 -16.18 -9.97
N ASN A 222 -5.64 -16.60 -10.73
CA ASN A 222 -5.98 -15.91 -11.98
C ASN A 222 -7.42 -16.28 -12.32
N ARG A 223 -8.28 -15.27 -12.33
CA ARG A 223 -9.69 -15.39 -12.62
C ARG A 223 -10.34 -16.54 -11.91
N GLY A 224 -10.07 -16.68 -10.61
CA GLY A 224 -10.71 -17.72 -9.83
C GLY A 224 -10.04 -19.08 -9.91
N LYS A 225 -8.97 -19.22 -10.67
CA LYS A 225 -8.22 -20.49 -10.67
C LYS A 225 -6.81 -20.32 -10.07
N ILE A 226 -6.23 -21.43 -9.69
CA ILE A 226 -4.81 -21.51 -9.47
C ILE A 226 -4.16 -21.45 -10.81
N GLU A 227 -3.31 -20.48 -11.03
CA GLU A 227 -2.53 -20.45 -12.24
C GLU A 227 -1.25 -21.23 -12.09
N LEU A 228 -0.60 -21.06 -10.93
CA LEU A 228 0.63 -21.79 -10.63
C LEU A 228 0.88 -21.89 -9.13
N ILE A 229 1.70 -22.87 -8.80
CA ILE A 229 2.21 -23.06 -7.49
C ILE A 229 3.65 -23.37 -7.58
N GLY A 230 4.46 -22.71 -6.76
CA GLY A 230 5.87 -23.06 -6.72
C GLY A 230 6.63 -22.17 -5.77
N THR A 231 7.93 -22.38 -5.71
CA THR A 231 8.80 -21.50 -4.94
C THR A 231 8.85 -20.14 -5.56
N PRO A 232 9.32 -19.16 -4.80
CA PRO A 232 9.41 -17.83 -5.41
C PRO A 232 10.26 -17.80 -6.68
N ARG A 233 11.36 -18.55 -6.70
CA ARG A 233 12.18 -18.60 -7.91
C ARG A 233 11.38 -19.19 -9.08
N GLU A 234 10.67 -20.27 -8.82
CA GLU A 234 9.88 -20.91 -9.83
C GLU A 234 8.81 -19.99 -10.33
N VAL A 235 8.16 -19.26 -9.43
CA VAL A 235 7.08 -18.38 -9.84
C VAL A 235 7.59 -17.17 -10.61
N PHE A 236 8.62 -16.53 -10.08
CA PHE A 236 9.08 -15.28 -10.70
C PHE A 236 9.97 -15.47 -11.88
N ARG A 237 10.29 -16.72 -12.21
CA ARG A 237 10.85 -17.01 -13.53
C ARG A 237 9.83 -16.86 -14.65
N GLU A 238 8.54 -17.02 -14.35
CA GLU A 238 7.47 -16.82 -15.33
C GLU A 238 7.09 -15.31 -15.52
N ALA A 239 8.09 -14.45 -15.74
CA ALA A 239 7.88 -13.02 -15.83
C ALA A 239 6.79 -12.61 -16.82
N GLU A 240 6.84 -13.15 -18.02
CA GLU A 240 5.87 -12.75 -19.09
C GLU A 240 4.40 -13.15 -18.79
N ARG A 241 4.23 -14.37 -18.26
CA ARG A 241 2.95 -14.79 -17.79
C ARG A 241 2.44 -13.89 -16.61
N LEU A 242 3.26 -13.59 -15.61
CA LEU A 242 2.83 -12.75 -14.48
C LEU A 242 2.38 -11.39 -14.98
N GLU A 243 3.17 -10.80 -15.87
CA GLU A 243 2.77 -9.54 -16.52
C GLU A 243 1.38 -9.65 -17.15
N LYS A 244 1.07 -10.76 -17.82
CA LYS A 244 -0.20 -10.89 -18.53
C LYS A 244 -1.39 -10.95 -17.61
N ILE A 245 -1.20 -11.56 -16.43
CA ILE A 245 -2.30 -11.75 -15.51
C ILE A 245 -2.38 -10.71 -14.37
N GLY A 246 -1.79 -9.53 -14.57
CA GLY A 246 -2.00 -8.41 -13.66
C GLY A 246 -0.92 -8.22 -12.64
N LEU A 247 0.12 -9.05 -12.67
CA LEU A 247 1.16 -9.07 -11.69
C LEU A 247 2.49 -8.59 -12.24
N SER A 248 3.58 -8.96 -11.61
CA SER A 248 4.87 -8.35 -11.87
C SER A 248 5.93 -9.21 -11.19
N VAL A 249 7.21 -8.96 -11.49
CA VAL A 249 8.32 -9.55 -10.74
C VAL A 249 9.00 -8.46 -9.91
N PRO A 250 9.81 -8.83 -8.94
CA PRO A 250 10.50 -7.82 -8.17
C PRO A 250 11.46 -7.02 -9.04
N GLN A 251 11.67 -5.74 -8.73
CA GLN A 251 12.60 -4.91 -9.49
C GLN A 251 13.93 -5.63 -9.72
N ILE A 252 14.48 -6.19 -8.67
CA ILE A 252 15.82 -6.78 -8.74
C ILE A 252 15.81 -7.99 -9.69
N THR A 253 14.71 -8.71 -9.74
CA THR A 253 14.57 -9.80 -10.66
C THR A 253 14.56 -9.30 -12.08
N SER A 254 13.84 -8.21 -12.37
CA SER A 254 13.83 -7.62 -13.70
C SER A 254 15.20 -7.25 -14.11
N LEU A 255 15.95 -6.66 -13.19
CA LEU A 255 17.31 -6.24 -13.52
C LEU A 255 18.15 -7.46 -13.88
N ALA A 256 18.13 -8.49 -13.04
CA ALA A 256 18.89 -9.68 -13.31
C ALA A 256 18.57 -10.22 -14.69
N ARG A 257 17.28 -10.23 -15.03
CA ARG A 257 16.79 -10.72 -16.29
C ARG A 257 17.42 -9.93 -17.42
N GLU A 258 17.38 -8.61 -17.27
CA GLU A 258 17.87 -7.74 -18.30
C GLU A 258 19.37 -7.84 -18.49
N LEU A 259 20.10 -8.11 -17.42
CA LEU A 259 21.54 -8.31 -17.49
C LEU A 259 21.88 -9.66 -18.12
N ARG A 260 21.14 -10.71 -17.78
CA ARG A 260 21.34 -12.02 -18.43
C ARG A 260 21.15 -11.92 -19.93
N LYS A 261 20.08 -11.30 -20.40
CA LYS A 261 19.89 -11.11 -21.83
C LYS A 261 21.12 -10.52 -22.49
N ARG A 262 21.75 -9.55 -21.84
CA ARG A 262 22.93 -8.92 -22.42
C ARG A 262 24.26 -9.64 -22.16
N GLY A 263 24.25 -10.88 -21.69
CA GLY A 263 25.52 -11.59 -21.54
C GLY A 263 26.07 -11.82 -20.13
N VAL A 264 25.50 -11.19 -19.12
CA VAL A 264 26.02 -11.40 -17.77
C VAL A 264 25.58 -12.77 -17.23
N PRO A 265 26.53 -13.55 -16.67
CA PRO A 265 26.21 -14.80 -15.97
C PRO A 265 25.57 -14.57 -14.60
N ILE A 266 24.32 -14.09 -14.63
CA ILE A 266 23.49 -13.91 -13.45
C ILE A 266 22.17 -14.70 -13.64
N PRO A 267 21.78 -15.48 -12.63
CA PRO A 267 20.51 -16.21 -12.76
C PRO A 267 19.34 -15.22 -12.98
N PRO A 268 18.39 -15.57 -13.84
CA PRO A 268 17.24 -14.72 -14.11
C PRO A 268 16.18 -14.74 -12.99
N ASP A 269 16.45 -15.50 -11.95
CA ASP A 269 15.52 -15.64 -10.85
C ASP A 269 16.15 -15.26 -9.50
N VAL A 270 17.03 -14.28 -9.57
CA VAL A 270 17.57 -13.60 -8.39
C VAL A 270 16.42 -12.89 -7.74
N LEU A 271 16.30 -13.03 -6.43
CA LEU A 271 15.13 -12.54 -5.70
C LEU A 271 15.45 -11.38 -4.74
N THR A 272 16.72 -11.23 -4.37
CA THR A 272 17.18 -10.23 -3.40
C THR A 272 18.41 -9.42 -3.85
N ILE A 273 18.53 -8.18 -3.36
CA ILE A 273 19.75 -7.40 -3.69
C ILE A 273 21.03 -8.13 -3.26
N GLU A 274 20.98 -8.75 -2.10
CA GLU A 274 22.10 -9.54 -1.64
C GLU A 274 22.55 -10.60 -2.67
N GLU A 275 21.62 -11.38 -3.20
CA GLU A 275 22.02 -12.40 -4.20
C GLU A 275 22.58 -11.74 -5.45
N ALA A 276 21.96 -10.65 -5.88
CA ALA A 276 22.37 -10.02 -7.09
C ALA A 276 23.80 -9.47 -6.92
N LYS A 277 24.08 -8.91 -5.75
CA LYS A 277 25.42 -8.40 -5.42
C LYS A 277 26.47 -9.51 -5.52
N GLU A 278 26.21 -10.65 -4.89
CA GLU A 278 27.14 -11.78 -4.93
C GLU A 278 27.43 -12.28 -6.35
N HIS A 279 26.40 -12.41 -7.18
CA HIS A 279 26.59 -12.89 -8.54
C HIS A 279 27.39 -11.91 -9.36
N ILE A 280 27.10 -10.63 -9.17
CA ILE A 280 27.75 -9.62 -9.98
C ILE A 280 29.24 -9.57 -9.60
N LEU A 281 29.53 -9.64 -8.31
CA LEU A 281 30.92 -9.60 -7.84
C LEU A 281 31.67 -10.83 -8.30
N ARG A 282 31.01 -11.98 -8.32
CA ARG A 282 31.62 -13.20 -8.79
C ARG A 282 32.05 -13.06 -10.24
N TYR A 283 31.24 -12.45 -11.09
CA TYR A 283 31.62 -12.30 -12.50
C TYR A 283 32.85 -11.40 -12.67
N LEU A 284 32.98 -10.42 -11.78
CA LEU A 284 34.12 -9.51 -11.80
C LEU A 284 35.39 -10.17 -11.26
N ARG A 285 35.32 -10.87 -10.14
CA ARG A 285 36.44 -11.67 -9.65
C ARG A 285 36.73 -12.92 -10.54
N GLY A 286 35.81 -13.27 -11.44
CA GLY A 286 35.89 -14.48 -12.27
C GLY A 286 36.65 -14.22 -13.56
N THR A 287 36.33 -13.12 -14.23
CA THR A 287 37.23 -12.53 -15.23
C THR A 287 37.97 -11.40 -14.51
N ARG B 3 7.07 34.22 -13.58
CA ARG B 3 6.54 34.03 -12.21
C ARG B 3 5.37 34.98 -12.02
N PRO B 4 4.70 34.95 -10.87
CA PRO B 4 4.90 34.27 -9.59
C PRO B 4 5.01 32.75 -9.69
N MET B 5 5.89 32.24 -8.87
CA MET B 5 6.04 30.81 -8.71
C MET B 5 4.66 30.26 -8.33
N PRO B 6 4.25 29.14 -8.91
CA PRO B 6 2.91 28.73 -8.55
C PRO B 6 2.67 28.37 -7.07
N ILE B 7 3.66 27.84 -6.39
CA ILE B 7 3.49 27.54 -4.97
C ILE B 7 4.66 28.06 -4.12
N LYS B 8 4.35 28.89 -3.14
CA LYS B 8 5.36 29.30 -2.16
C LYS B 8 4.77 29.14 -0.77
N VAL B 9 5.48 28.43 0.10
CA VAL B 9 5.06 28.25 1.46
C VAL B 9 6.09 28.98 2.31
N GLU B 10 5.67 30.04 2.97
CA GLU B 10 6.65 30.94 3.62
C GLU B 10 6.57 30.88 5.13
N ASN B 11 7.56 30.23 5.71
CA ASN B 11 7.63 30.10 7.18
C ASN B 11 6.34 29.61 7.90
N VAL B 12 5.80 28.50 7.45
CA VAL B 12 4.52 28.03 7.96
C VAL B 12 4.73 27.11 9.16
N SER B 13 3.94 27.35 10.20
CA SER B 13 3.81 26.39 11.28
C SER B 13 2.31 26.17 11.45
N PHE B 14 1.99 25.02 11.97
CA PHE B 14 0.60 24.66 12.30
C PHE B 14 0.58 23.92 13.64
N ILE B 15 -0.41 24.22 14.46
CA ILE B 15 -0.58 23.55 15.72
C ILE B 15 -2.03 23.19 15.68
N TYR B 16 -2.39 21.93 15.97
CA TYR B 16 -3.83 21.62 16.07
C TYR B 16 -4.36 22.30 17.35
N ASN B 17 -5.63 22.68 17.35
CA ASN B 17 -6.25 23.26 18.53
C ASN B 17 -5.38 24.27 19.21
N GLU B 18 -5.01 25.31 18.47
CA GLU B 18 -4.14 26.34 18.97
C GLU B 18 -4.55 26.91 20.35
N GLY B 19 -5.84 26.97 20.66
CA GLY B 19 -6.30 27.29 22.06
C GLY B 19 -5.27 27.23 23.21
N THR B 20 -5.16 26.23 24.10
CA THR B 20 -6.00 25.02 24.32
C THR B 20 -5.05 23.92 24.80
N PRO B 21 -5.40 23.17 25.83
CA PRO B 21 -4.51 22.12 26.36
C PRO B 21 -4.43 20.89 25.45
N TYR B 22 -5.27 20.87 24.41
CA TYR B 22 -5.12 19.94 23.32
C TYR B 22 -4.11 20.34 22.27
N ALA B 23 -3.46 21.49 22.44
CA ALA B 23 -2.55 21.99 21.39
C ALA B 23 -1.37 21.04 21.11
N THR B 24 -1.14 20.73 19.85
CA THR B 24 -0.16 19.74 19.45
C THR B 24 0.45 20.20 18.12
N VAL B 25 1.76 20.50 18.15
CA VAL B 25 2.44 21.10 17.02
C VAL B 25 2.54 20.01 15.98
N ALA B 26 2.18 20.34 14.76
CA ALA B 26 2.36 19.40 13.66
C ALA B 26 3.27 19.85 12.53
N LEU B 27 3.40 21.15 12.34
CA LEU B 27 4.30 21.72 11.31
C LEU B 27 5.14 22.87 11.96
N LYS B 28 6.43 22.89 11.70
CA LYS B 28 7.36 23.88 12.28
C LYS B 28 8.19 24.48 11.15
N ASP B 29 7.97 25.76 10.86
CA ASP B 29 8.85 26.56 9.99
C ASP B 29 9.07 25.98 8.59
N ILE B 30 7.98 25.71 7.90
CA ILE B 30 8.03 25.08 6.61
C ILE B 30 8.34 26.13 5.57
N ASN B 31 9.38 25.91 4.78
CA ASN B 31 9.66 26.76 3.62
C ASN B 31 9.95 25.99 2.37
N PHE B 32 9.20 26.21 1.30
CA PHE B 32 9.63 25.70 0.02
C PHE B 32 8.86 26.36 -1.06
N SER B 33 9.23 26.08 -2.27
CA SER B 33 8.48 26.59 -3.35
C SER B 33 8.46 25.51 -4.44
N ILE B 34 7.43 25.51 -5.25
CA ILE B 34 7.34 24.56 -6.32
C ILE B 34 7.12 25.30 -7.63
N ASP B 35 7.91 24.99 -8.66
CA ASP B 35 7.87 25.75 -9.90
C ASP B 35 6.84 25.15 -10.85
N ASP B 36 6.65 25.85 -11.97
CA ASP B 36 5.80 25.41 -13.06
C ASP B 36 6.14 24.00 -13.52
N GLU B 37 5.09 23.19 -13.73
CA GLU B 37 5.19 21.89 -14.38
C GLU B 37 6.04 20.88 -13.61
N GLU B 38 6.27 21.15 -12.31
CA GLU B 38 7.07 20.20 -11.53
C GLU B 38 6.24 19.02 -10.98
N PHE B 39 6.79 17.82 -11.07
CA PHE B 39 6.20 16.68 -10.41
C PHE B 39 6.90 16.54 -9.05
N VAL B 40 6.15 16.68 -7.99
CA VAL B 40 6.76 16.63 -6.64
C VAL B 40 6.31 15.44 -5.80
N GLY B 41 7.27 14.81 -5.16
CA GLY B 41 7.03 13.74 -4.23
C GLY B 41 7.22 14.23 -2.79
N ILE B 42 6.31 13.80 -1.90
CA ILE B 42 6.44 14.07 -0.46
C ILE B 42 6.53 12.75 0.20
N ILE B 43 7.61 12.53 0.92
CA ILE B 43 7.78 11.33 1.69
C ILE B 43 8.08 11.69 3.11
N GLY B 44 7.89 10.73 3.99
CA GLY B 44 8.22 10.91 5.40
C GLY B 44 7.53 9.88 6.25
N HIS B 45 8.02 9.70 7.46
CA HIS B 45 7.45 8.70 8.36
C HIS B 45 5.99 9.01 8.71
N THR B 46 5.28 8.00 9.15
CA THR B 46 3.97 8.17 9.70
C THR B 46 4.01 9.15 10.86
N GLY B 47 3.13 10.15 10.84
CA GLY B 47 3.16 11.24 11.82
C GLY B 47 4.28 12.25 11.63
N SER B 48 4.81 12.43 10.42
CA SER B 48 5.78 13.48 10.08
C SER B 48 5.15 14.78 9.60
N GLY B 49 3.84 14.77 9.37
CA GLY B 49 3.17 15.97 8.95
C GLY B 49 2.73 16.11 7.53
N LYS B 50 2.81 15.04 6.75
CA LYS B 50 2.53 15.09 5.31
C LYS B 50 1.10 15.47 5.02
N SER B 51 0.17 14.80 5.70
CA SER B 51 -1.22 15.10 5.59
C SER B 51 -1.55 16.51 6.10
N THR B 52 -1.01 16.91 7.22
CA THR B 52 -1.27 18.26 7.65
C THR B 52 -0.82 19.29 6.62
N LEU B 53 0.38 19.07 6.04
CA LEU B 53 0.93 19.98 5.03
C LEU B 53 0.01 20.12 3.82
N ILE B 54 -0.40 19.00 3.25
CA ILE B 54 -1.19 19.09 2.02
C ILE B 54 -2.54 19.69 2.29
N GLN B 55 -3.04 19.54 3.48
CA GLN B 55 -4.26 20.25 3.83
C GLN B 55 -4.05 21.81 3.94
N GLN B 56 -2.83 22.28 4.22
CA GLN B 56 -2.58 23.72 4.19
C GLN B 56 -2.69 24.22 2.74
N LEU B 57 -2.24 23.41 1.79
CA LEU B 57 -2.18 23.85 0.42
C LEU B 57 -3.54 23.97 -0.21
N ASN B 58 -4.57 23.28 0.28
CA ASN B 58 -5.89 23.46 -0.36
C ASN B 58 -6.88 24.11 0.57
N GLY B 59 -6.38 24.65 1.65
CA GLY B 59 -7.17 25.43 2.56
C GLY B 59 -8.02 24.68 3.55
N LEU B 60 -7.91 23.37 3.67
CA LEU B 60 -8.65 22.65 4.74
C LEU B 60 -8.12 23.04 6.13
N LEU B 61 -6.86 23.43 6.21
CA LEU B 61 -6.28 23.92 7.45
C LEU B 61 -5.64 25.26 7.14
N LYS B 62 -5.66 26.19 8.11
CA LYS B 62 -5.02 27.51 7.96
C LYS B 62 -3.79 27.45 8.81
N PRO B 63 -2.67 27.98 8.31
CA PRO B 63 -1.47 28.05 9.13
C PRO B 63 -1.67 28.80 10.44
N SER B 64 -1.06 28.34 11.52
CA SER B 64 -1.05 29.06 12.75
C SER B 64 -0.10 30.28 12.62
N LYS B 65 0.89 30.17 11.73
CA LYS B 65 1.87 31.23 11.43
C LYS B 65 2.42 31.04 10.01
N GLY B 66 2.71 32.13 9.31
CA GLY B 66 3.35 32.05 8.02
C GLY B 66 2.29 32.16 6.96
N LYS B 67 2.70 32.04 5.71
CA LYS B 67 1.82 32.31 4.59
C LYS B 67 1.96 31.30 3.49
N ILE B 68 0.93 31.14 2.67
CA ILE B 68 0.99 30.28 1.52
C ILE B 68 0.45 31.06 0.33
N TYR B 69 1.26 31.17 -0.73
CA TYR B 69 0.85 31.87 -1.93
C TYR B 69 0.67 30.86 -3.02
N ILE B 70 -0.53 30.82 -3.57
CA ILE B 70 -0.82 30.01 -4.71
C ILE B 70 -0.95 30.94 -5.89
N ASN B 71 -0.11 30.74 -6.89
CA ASN B 71 -0.05 31.60 -8.06
C ASN B 71 -0.19 33.09 -7.66
N GLY B 72 0.57 33.52 -6.67
CA GLY B 72 0.54 34.90 -6.23
C GLY B 72 -0.61 35.35 -5.34
N ILE B 73 -1.52 34.44 -4.99
CA ILE B 73 -2.62 34.76 -4.08
C ILE B 73 -2.32 34.18 -2.67
N ASP B 74 -2.29 35.03 -1.67
CA ASP B 74 -2.18 34.61 -0.27
C ASP B 74 -3.49 33.88 0.12
N ILE B 75 -3.47 32.54 0.07
CA ILE B 75 -4.67 31.81 0.37
C ILE B 75 -4.99 31.83 1.86
N THR B 76 -4.07 32.31 2.67
CA THR B 76 -4.34 32.50 4.09
C THR B 76 -5.17 33.75 4.42
N ASP B 77 -5.36 34.66 3.47
CA ASP B 77 -6.18 35.85 3.74
C ASP B 77 -7.65 35.49 3.87
N LYS B 78 -8.30 36.04 4.90
CA LYS B 78 -9.75 35.88 5.08
C LYS B 78 -10.55 36.21 3.80
N LYS B 79 -10.03 37.10 2.94
CA LYS B 79 -10.69 37.44 1.66
C LYS B 79 -10.78 36.30 0.64
N VAL B 80 -10.09 35.18 0.92
CA VAL B 80 -10.04 34.04 -0.01
C VAL B 80 -10.78 32.83 0.58
N SER B 81 -11.84 32.42 -0.10
CA SER B 81 -12.72 31.32 0.38
C SER B 81 -12.12 29.96 0.07
N LEU B 82 -12.72 28.90 0.61
CA LEU B 82 -12.37 27.54 0.20
C LEU B 82 -12.84 27.16 -1.22
N LYS B 83 -13.67 27.99 -1.88
CA LYS B 83 -14.04 27.77 -3.29
C LYS B 83 -12.97 28.33 -4.17
N ASP B 84 -12.56 29.57 -3.89
CA ASP B 84 -11.47 30.16 -4.66
C ASP B 84 -10.24 29.18 -4.73
N ILE B 85 -9.96 28.52 -3.62
CA ILE B 85 -8.81 27.64 -3.54
C ILE B 85 -8.99 26.39 -4.40
N ARG B 86 -10.22 25.87 -4.42
CA ARG B 86 -10.50 24.65 -5.20
C ARG B 86 -10.34 24.83 -6.69
N LYS B 87 -10.42 26.08 -7.16
CA LYS B 87 -10.16 26.37 -8.57
C LYS B 87 -8.70 26.28 -8.93
N GLN B 88 -7.83 26.28 -7.92
CA GLN B 88 -6.38 26.19 -8.14
C GLN B 88 -5.78 24.87 -7.72
N VAL B 89 -6.24 24.32 -6.63
CA VAL B 89 -5.66 23.12 -6.02
C VAL B 89 -6.69 22.05 -5.78
N GLY B 90 -6.48 20.90 -6.35
CA GLY B 90 -7.31 19.74 -5.97
C GLY B 90 -6.59 18.71 -5.15
N LEU B 91 -7.29 18.09 -4.23
CA LEU B 91 -6.66 17.15 -3.35
C LEU B 91 -7.44 15.84 -3.35
N VAL B 92 -6.74 14.77 -3.77
CA VAL B 92 -7.30 13.43 -3.79
C VAL B 92 -6.74 12.66 -2.62
N PHE B 93 -7.62 12.35 -1.68
CA PHE B 93 -7.27 11.55 -0.51
C PHE B 93 -7.14 10.08 -0.90
N GLN B 94 -6.52 9.31 -0.01
CA GLN B 94 -6.47 7.86 -0.13
C GLN B 94 -7.84 7.22 -0.24
N TYR B 95 -7.95 6.20 -1.09
CA TYR B 95 -9.18 5.47 -1.25
C TYR B 95 -10.34 6.43 -1.45
N PRO B 96 -10.24 7.27 -2.47
CA PRO B 96 -11.22 8.31 -2.62
C PRO B 96 -12.53 7.78 -3.10
N GLU B 97 -12.56 6.52 -3.54
CA GLU B 97 -13.78 5.89 -3.87
C GLU B 97 -14.76 5.85 -2.71
N TYR B 98 -14.28 5.87 -1.47
CA TYR B 98 -15.20 5.87 -0.30
C TYR B 98 -15.90 7.20 -0.07
N GLN B 99 -15.58 8.22 -0.84
CA GLN B 99 -16.30 9.47 -0.80
C GLN B 99 -17.36 9.61 -1.92
N LEU B 100 -17.52 8.62 -2.79
CA LEU B 100 -18.67 8.64 -3.72
C LEU B 100 -19.97 8.67 -2.89
N PHE B 101 -20.92 9.46 -3.34
CA PHE B 101 -22.06 9.88 -2.53
C PHE B 101 -23.32 9.83 -3.42
N GLU B 102 -23.21 10.36 -4.64
CA GLU B 102 -24.39 10.71 -5.41
C GLU B 102 -24.98 9.54 -6.19
N GLU B 103 -26.16 9.82 -6.74
CA GLU B 103 -27.04 8.79 -7.30
C GLU B 103 -26.51 8.24 -8.62
N THR B 104 -25.85 9.09 -9.39
CA THR B 104 -25.27 8.74 -10.68
C THR B 104 -23.82 9.23 -10.77
N VAL B 105 -23.07 8.69 -11.73
CA VAL B 105 -21.70 9.11 -11.98
C VAL B 105 -21.70 10.58 -12.31
N PHE B 106 -22.61 10.99 -13.21
CA PHE B 106 -22.65 12.40 -13.63
C PHE B 106 -22.85 13.30 -12.40
N LYS B 107 -23.81 12.93 -11.56
CA LYS B 107 -24.09 13.76 -10.40
C LYS B 107 -22.90 13.83 -9.43
N ASP B 108 -22.22 12.71 -9.22
CA ASP B 108 -21.07 12.72 -8.35
C ASP B 108 -19.97 13.63 -8.86
N ILE B 109 -19.63 13.52 -10.15
CA ILE B 109 -18.62 14.41 -10.73
C ILE B 109 -19.05 15.88 -10.70
N ALA B 110 -20.34 16.13 -10.77
CA ALA B 110 -20.87 17.47 -10.92
C ALA B 110 -20.92 18.18 -9.61
N PHE B 111 -20.82 17.42 -8.53
CA PHE B 111 -21.02 17.98 -7.25
C PHE B 111 -20.13 19.18 -7.03
N GLY B 112 -18.83 19.02 -7.24
CA GLY B 112 -17.91 20.11 -6.98
C GLY B 112 -18.21 21.35 -7.76
N PRO B 113 -18.19 21.25 -9.08
CA PRO B 113 -18.43 22.43 -9.90
C PRO B 113 -19.82 23.07 -9.68
N SER B 114 -20.82 22.31 -9.24
CA SER B 114 -22.13 22.89 -8.90
C SER B 114 -22.09 23.70 -7.60
N ASN B 115 -21.35 23.18 -6.62
CA ASN B 115 -21.04 23.95 -5.39
C ASN B 115 -20.12 25.16 -5.59
N LEU B 116 -19.27 25.08 -6.60
CA LEU B 116 -18.43 26.18 -7.02
C LEU B 116 -19.23 27.34 -7.63
N GLY B 117 -20.57 27.27 -7.65
CA GLY B 117 -21.37 28.07 -8.60
C GLY B 117 -21.23 27.48 -9.99
N LEU B 118 -20.94 28.28 -11.01
CA LEU B 118 -20.86 27.77 -12.40
C LEU B 118 -22.24 27.42 -13.00
N SER B 119 -22.51 27.92 -14.20
CA SER B 119 -23.75 27.65 -14.94
C SER B 119 -23.91 26.12 -15.24
N GLU B 120 -25.12 25.67 -15.55
CA GLU B 120 -25.34 24.27 -15.87
C GLU B 120 -24.51 23.88 -17.08
N GLU B 121 -24.47 24.73 -18.09
CA GLU B 121 -23.62 24.50 -19.26
C GLU B 121 -22.15 24.25 -18.92
N GLU B 122 -21.61 25.07 -18.00
CA GLU B 122 -20.24 24.97 -17.48
C GLU B 122 -20.05 23.59 -16.83
N VAL B 123 -20.95 23.25 -15.92
CA VAL B 123 -20.83 22.01 -15.16
C VAL B 123 -20.82 20.80 -16.08
N LYS B 124 -21.81 20.75 -16.95
CA LYS B 124 -21.96 19.60 -17.83
C LYS B 124 -20.74 19.41 -18.72
N GLU B 125 -20.16 20.49 -19.20
CA GLU B 125 -18.94 20.37 -20.01
C GLU B 125 -17.75 19.91 -19.17
N ARG B 126 -17.64 20.41 -17.93
CA ARG B 126 -16.57 20.01 -17.03
C ARG B 126 -16.68 18.52 -16.67
N VAL B 127 -17.89 18.05 -16.45
CA VAL B 127 -18.15 16.66 -16.11
C VAL B 127 -17.71 15.75 -17.22
N TYR B 128 -18.14 16.03 -18.45
CA TYR B 128 -17.76 15.19 -19.59
C TYR B 128 -16.29 15.30 -19.95
N GLU B 129 -15.73 16.49 -19.81
CA GLU B 129 -14.28 16.65 -20.00
C GLU B 129 -13.47 15.80 -19.01
N ALA B 130 -13.89 15.84 -17.74
CA ALA B 130 -13.25 15.06 -16.68
C ALA B 130 -13.37 13.58 -16.97
N MET B 131 -14.56 13.13 -17.38
CA MET B 131 -14.79 11.71 -17.62
C MET B 131 -13.87 11.20 -18.67
N GLU B 132 -13.68 11.99 -19.70
CA GLU B 132 -12.80 11.60 -20.79
C GLU B 132 -11.36 11.50 -20.28
N ILE B 133 -10.93 12.50 -19.53
CA ILE B 133 -9.56 12.52 -19.03
C ILE B 133 -9.20 11.31 -18.17
N VAL B 134 -10.08 10.90 -17.26
CA VAL B 134 -9.81 9.71 -16.42
C VAL B 134 -10.21 8.42 -17.08
N GLY B 135 -10.66 8.48 -18.32
CA GLY B 135 -10.93 7.28 -19.08
C GLY B 135 -12.15 6.50 -18.65
N ILE B 136 -13.26 7.17 -18.38
CA ILE B 136 -14.52 6.43 -18.23
C ILE B 136 -15.51 6.85 -19.32
N SER B 137 -16.14 5.85 -19.96
CA SER B 137 -17.13 6.10 -21.03
C SER B 137 -18.19 7.01 -20.59
N LYS B 138 -18.57 7.84 -21.51
CA LYS B 138 -19.70 8.73 -21.38
C LYS B 138 -20.98 7.97 -21.06
N GLU B 139 -21.08 6.71 -21.45
CA GLU B 139 -22.27 5.93 -21.22
C GLU B 139 -22.43 5.53 -19.78
N LEU B 140 -21.37 5.68 -18.97
CA LEU B 140 -21.51 5.40 -17.54
C LEU B 140 -22.15 6.57 -16.78
N ALA B 141 -22.40 7.70 -17.45
CA ALA B 141 -22.77 8.92 -16.78
C ALA B 141 -24.06 8.78 -16.00
N ASP B 142 -24.95 7.93 -16.49
CA ASP B 142 -26.24 7.72 -15.86
C ASP B 142 -26.30 6.51 -14.95
N LYS B 143 -25.16 5.84 -14.73
CA LYS B 143 -25.07 4.71 -13.81
C LYS B 143 -24.87 5.10 -12.37
N SER B 144 -25.31 4.21 -11.48
CA SER B 144 -25.05 4.37 -10.06
C SER B 144 -23.62 4.00 -9.80
N PRO B 145 -22.90 4.83 -9.01
CA PRO B 145 -21.48 4.56 -8.73
C PRO B 145 -21.26 3.21 -8.07
N PHE B 146 -22.28 2.75 -7.37
CA PHE B 146 -22.15 1.59 -6.52
C PHE B 146 -22.33 0.29 -7.36
N GLU B 147 -22.48 0.45 -8.67
CA GLU B 147 -22.53 -0.67 -9.61
C GLU B 147 -21.23 -0.72 -10.46
N LEU B 148 -20.22 0.09 -10.09
CA LEU B 148 -18.94 0.17 -10.82
C LEU B 148 -17.84 -0.67 -10.15
N SER B 149 -16.79 -1.01 -10.90
CA SER B 149 -15.52 -1.56 -10.34
C SER B 149 -14.90 -0.66 -9.25
N GLY B 150 -14.08 -1.28 -8.39
CA GLY B 150 -13.19 -0.54 -7.54
C GLY B 150 -12.37 0.50 -8.28
N GLY B 151 -11.80 0.11 -9.42
CA GLY B 151 -11.00 0.99 -10.20
C GLY B 151 -11.79 2.08 -10.87
N GLN B 152 -12.99 1.72 -11.30
CA GLN B 152 -13.89 2.68 -11.94
C GLN B 152 -14.36 3.72 -10.96
N LYS B 153 -14.65 3.29 -9.74
CA LYS B 153 -15.00 4.20 -8.73
C LYS B 153 -13.91 5.16 -8.44
N ARG B 154 -12.67 4.67 -8.39
CA ARG B 154 -11.56 5.53 -8.06
C ARG B 154 -11.37 6.56 -9.16
N ARG B 155 -11.64 6.17 -10.41
CA ARG B 155 -11.67 7.11 -11.57
C ARG B 155 -12.69 8.22 -11.41
N VAL B 156 -13.90 7.84 -11.10
CA VAL B 156 -14.98 8.78 -10.89
C VAL B 156 -14.66 9.76 -9.77
N ALA B 157 -14.17 9.24 -8.63
CA ALA B 157 -13.78 10.15 -7.49
C ALA B 157 -12.73 11.15 -7.94
N ILE B 158 -11.79 10.71 -8.74
CA ILE B 158 -10.73 11.64 -9.21
C ILE B 158 -11.22 12.65 -10.26
N ALA B 159 -12.12 12.21 -11.10
CA ALA B 159 -12.75 13.12 -12.09
C ALA B 159 -13.49 14.22 -11.41
N GLY B 160 -14.12 13.94 -10.27
CA GLY B 160 -14.80 14.98 -9.46
C GLY B 160 -13.90 16.15 -9.11
N ILE B 161 -12.63 15.85 -8.86
CA ILE B 161 -11.66 16.85 -8.48
C ILE B 161 -11.13 17.58 -9.70
N LEU B 162 -10.83 16.85 -10.77
CA LEU B 162 -10.33 17.46 -12.01
C LEU B 162 -11.38 18.32 -12.72
N ALA B 163 -12.65 17.97 -12.55
CA ALA B 163 -13.75 18.78 -13.05
C ALA B 163 -13.68 20.25 -12.63
N MET B 164 -12.92 20.56 -11.58
CA MET B 164 -12.70 21.95 -11.21
C MET B 164 -11.47 22.55 -11.88
N ARG B 165 -10.78 21.79 -12.72
CA ARG B 165 -9.65 22.30 -13.48
C ARG B 165 -8.58 22.98 -12.65
N PRO B 166 -8.20 22.36 -11.53
CA PRO B 166 -7.08 22.89 -10.87
C PRO B 166 -5.84 22.56 -11.67
N LYS B 167 -4.87 23.43 -11.55
CA LYS B 167 -3.58 23.21 -12.20
C LYS B 167 -2.56 22.74 -11.21
N ILE B 168 -2.97 22.60 -9.95
CA ILE B 168 -2.17 21.91 -8.94
C ILE B 168 -2.97 20.69 -8.43
N LEU B 169 -2.42 19.50 -8.55
CA LEU B 169 -3.16 18.30 -8.19
C LEU B 169 -2.37 17.50 -7.18
N ILE B 170 -2.97 17.28 -6.03
CA ILE B 170 -2.29 16.60 -4.92
C ILE B 170 -2.92 15.24 -4.80
N LEU B 171 -2.13 14.17 -4.84
CA LEU B 171 -2.68 12.84 -4.60
C LEU B 171 -1.99 12.16 -3.43
N ASP B 172 -2.78 11.71 -2.48
CA ASP B 172 -2.26 10.94 -1.37
C ASP B 172 -2.32 9.46 -1.70
N GLU B 173 -1.16 8.83 -1.81
CA GLU B 173 -1.03 7.37 -2.11
C GLU B 173 -2.06 6.80 -3.11
N PRO B 174 -1.98 7.24 -4.36
CA PRO B 174 -3.06 6.89 -5.31
C PRO B 174 -3.02 5.43 -5.78
N THR B 175 -1.92 4.75 -5.54
CA THR B 175 -1.83 3.34 -5.91
C THR B 175 -2.32 2.41 -4.85
N ALA B 176 -2.68 2.96 -3.69
CA ALA B 176 -3.08 2.14 -2.54
C ALA B 176 -4.15 1.09 -2.91
N GLY B 177 -3.89 -0.17 -2.54
CA GLY B 177 -4.85 -1.23 -2.61
C GLY B 177 -4.95 -1.89 -4.00
N LEU B 178 -4.25 -1.35 -4.97
CA LEU B 178 -4.30 -1.85 -6.31
C LEU B 178 -3.35 -3.01 -6.56
N ASP B 179 -3.68 -3.83 -7.56
CA ASP B 179 -2.78 -4.89 -7.94
C ASP B 179 -1.62 -4.28 -8.74
N PRO B 180 -0.60 -5.07 -9.05
CA PRO B 180 0.58 -4.41 -9.62
C PRO B 180 0.30 -3.77 -10.97
N LYS B 181 -0.63 -4.31 -11.73
CA LYS B 181 -0.91 -3.67 -13.00
C LYS B 181 -1.70 -2.37 -12.77
N GLY B 182 -2.63 -2.41 -11.82
CA GLY B 182 -3.39 -1.25 -11.40
C GLY B 182 -2.47 -0.10 -10.97
N LYS B 183 -1.45 -0.45 -10.23
CA LYS B 183 -0.53 0.55 -9.73
C LYS B 183 0.14 1.28 -10.88
N GLN B 184 0.68 0.51 -11.84
CA GLN B 184 1.37 1.20 -12.99
C GLN B 184 0.37 1.95 -13.79
N GLU B 185 -0.83 1.42 -13.95
CA GLU B 185 -1.79 2.14 -14.76
C GLU B 185 -2.14 3.50 -14.16
N ILE B 186 -2.34 3.58 -12.86
CA ILE B 186 -2.73 4.87 -12.29
C ILE B 186 -1.57 5.84 -12.37
N LEU B 187 -0.34 5.37 -12.13
CA LEU B 187 0.83 6.22 -12.17
C LEU B 187 1.09 6.70 -13.60
N ASN B 188 0.86 5.84 -14.58
CA ASN B 188 1.01 6.26 -15.99
C ASN B 188 0.00 7.31 -16.35
N LYS B 189 -1.25 7.10 -15.98
CA LYS B 189 -2.31 8.05 -16.22
C LYS B 189 -2.11 9.41 -15.46
N ILE B 190 -1.59 9.34 -14.26
CA ILE B 190 -1.27 10.57 -13.55
C ILE B 190 -0.20 11.35 -14.31
N LYS B 191 0.85 10.67 -14.76
CA LYS B 191 1.97 11.28 -15.44
C LYS B 191 1.55 11.80 -16.79
N GLU B 192 0.66 11.09 -17.45
CA GLU B 192 0.19 11.50 -18.74
C GLU B 192 -0.66 12.77 -18.62
N ILE B 193 -1.52 12.83 -17.63
CA ILE B 193 -2.36 14.00 -17.41
C ILE B 193 -1.47 15.19 -16.94
N HIS B 194 -0.43 14.90 -16.16
CA HIS B 194 0.53 15.90 -15.74
C HIS B 194 1.16 16.61 -16.94
N ASP B 195 1.76 15.85 -17.83
CA ASP B 195 2.50 16.37 -18.98
C ASP B 195 1.55 17.07 -19.94
N LYS B 196 0.39 16.45 -20.18
CA LYS B 196 -0.57 16.97 -21.14
C LYS B 196 -1.15 18.31 -20.75
N TYR B 197 -1.53 18.46 -19.49
CA TYR B 197 -2.17 19.69 -19.02
C TYR B 197 -1.27 20.66 -18.29
N LYS B 198 0.02 20.39 -18.27
CA LYS B 198 1.03 21.31 -17.70
C LYS B 198 0.80 21.64 -16.24
N MET B 199 0.55 20.59 -15.48
CA MET B 199 0.11 20.69 -14.12
C MET B 199 1.32 20.78 -13.22
N ILE B 200 1.09 21.23 -11.98
CA ILE B 200 1.90 20.73 -10.87
C ILE B 200 1.18 19.50 -10.28
N THR B 201 1.90 18.43 -10.04
CA THR B 201 1.32 17.29 -9.35
C THR B 201 2.17 17.00 -8.14
N ILE B 202 1.50 16.69 -7.03
CA ILE B 202 2.15 16.43 -5.74
C ILE B 202 1.63 15.08 -5.24
N LEU B 203 2.56 14.18 -5.05
CA LEU B 203 2.23 12.82 -4.80
C LEU B 203 2.82 12.48 -3.45
N VAL B 204 1.96 12.09 -2.51
CA VAL B 204 2.38 11.67 -1.15
C VAL B 204 2.37 10.16 -1.12
N SER B 205 3.49 9.57 -0.72
CA SER B 205 3.64 8.14 -0.84
C SER B 205 4.74 7.53 0.02
N HIS B 206 4.46 6.34 0.50
CA HIS B 206 5.44 5.54 1.16
C HIS B 206 6.21 4.62 0.20
N ASN B 207 5.94 4.67 -1.09
CA ASN B 207 6.63 3.76 -2.00
C ASN B 207 7.80 4.49 -2.63
N MET B 208 9.01 4.14 -2.20
CA MET B 208 10.20 4.85 -2.53
C MET B 208 10.55 4.67 -4.00
N GLU B 209 10.31 3.47 -4.52
CA GLU B 209 10.55 3.10 -5.90
C GLU B 209 9.73 3.93 -6.84
N ASP B 210 8.42 4.02 -6.62
CA ASP B 210 7.53 4.81 -7.49
C ASP B 210 7.99 6.29 -7.44
N ILE B 211 8.19 6.80 -6.24
CA ILE B 211 8.51 8.22 -6.05
C ILE B 211 9.77 8.58 -6.82
N ALA B 212 10.76 7.70 -6.77
CA ALA B 212 12.02 7.88 -7.42
C ALA B 212 11.96 7.92 -8.93
N ARG B 213 11.06 7.13 -9.52
CA ARG B 213 10.91 7.10 -11.00
C ARG B 213 10.21 8.34 -11.53
N ILE B 214 9.21 8.83 -10.79
CA ILE B 214 8.24 9.75 -11.36
C ILE B 214 8.51 11.22 -11.02
N ALA B 215 9.24 11.50 -9.94
CA ALA B 215 9.31 12.85 -9.41
C ALA B 215 10.46 13.61 -9.98
N ASP B 216 10.26 14.92 -10.11
CA ASP B 216 11.37 15.88 -10.40
C ASP B 216 12.01 16.35 -9.15
N LYS B 217 11.21 16.49 -8.10
CA LYS B 217 11.69 17.04 -6.81
C LYS B 217 11.01 16.28 -5.63
N ILE B 218 11.73 16.10 -4.53
CA ILE B 218 11.16 15.41 -3.38
C ILE B 218 11.33 16.27 -2.16
N ILE B 219 10.26 16.36 -1.38
CA ILE B 219 10.26 16.97 -0.05
C ILE B 219 10.16 15.86 1.00
N VAL B 220 11.15 15.82 1.88
CA VAL B 220 11.24 14.81 2.87
C VAL B 220 10.88 15.45 4.21
N MET B 221 9.89 14.91 4.88
CA MET B 221 9.40 15.43 6.17
C MET B 221 10.01 14.62 7.28
N ASN B 222 10.15 15.22 8.44
CA ASN B 222 10.66 14.50 9.63
C ASN B 222 10.19 15.26 10.83
N ARG B 223 9.30 14.62 11.58
CA ARG B 223 8.73 15.18 12.80
C ARG B 223 8.20 16.57 12.64
N GLY B 224 7.44 16.81 11.59
CA GLY B 224 6.85 18.11 11.39
C GLY B 224 7.76 19.11 10.70
N LYS B 225 8.97 18.72 10.35
CA LYS B 225 9.84 19.63 9.64
C LYS B 225 10.18 19.14 8.24
N ILE B 226 10.62 20.06 7.39
CA ILE B 226 11.35 19.69 6.18
C ILE B 226 12.72 19.23 6.57
N GLU B 227 13.03 18.00 6.27
CA GLU B 227 14.35 17.49 6.55
C GLU B 227 15.25 17.83 5.38
N LEU B 228 14.70 17.69 4.18
CA LEU B 228 15.45 17.83 2.99
C LEU B 228 14.60 18.05 1.75
N ILE B 229 15.12 18.81 0.80
CA ILE B 229 14.49 19.02 -0.49
C ILE B 229 15.49 18.83 -1.60
N GLY B 230 15.14 18.04 -2.59
CA GLY B 230 16.04 17.87 -3.71
C GLY B 230 15.52 17.01 -4.78
N THR B 231 16.34 16.83 -5.81
CA THR B 231 16.00 15.83 -6.84
C THR B 231 16.01 14.42 -6.22
N PRO B 232 15.34 13.47 -6.85
CA PRO B 232 15.38 12.10 -6.33
C PRO B 232 16.79 11.58 -6.14
N ARG B 233 17.68 11.89 -7.05
CA ARG B 233 19.09 11.48 -6.90
C ARG B 233 19.67 12.07 -5.66
N GLU B 234 19.47 13.38 -5.49
CA GLU B 234 20.02 14.05 -4.35
C GLU B 234 19.45 13.44 -3.09
N VAL B 235 18.17 13.17 -3.06
CA VAL B 235 17.54 12.72 -1.85
C VAL B 235 17.99 11.28 -1.54
N PHE B 236 17.92 10.41 -2.53
CA PHE B 236 18.20 8.98 -2.24
C PHE B 236 19.69 8.67 -2.13
N ARG B 237 20.53 9.68 -2.40
CA ARG B 237 21.92 9.56 -2.02
C ARG B 237 22.11 9.58 -0.51
N GLU B 238 21.17 10.18 0.23
CA GLU B 238 21.24 10.20 1.68
C GLU B 238 20.65 8.92 2.34
N ALA B 239 21.07 7.76 1.87
CA ALA B 239 20.53 6.48 2.31
C ALA B 239 20.53 6.29 3.81
N GLU B 240 21.66 6.56 4.43
CA GLU B 240 21.82 6.42 5.87
C GLU B 240 20.87 7.33 6.68
N ARG B 241 20.75 8.58 6.26
CA ARG B 241 19.80 9.53 6.92
C ARG B 241 18.33 9.09 6.73
N LEU B 242 17.94 8.69 5.53
CA LEU B 242 16.56 8.24 5.29
C LEU B 242 16.21 7.05 6.20
N GLU B 243 17.10 6.08 6.25
CA GLU B 243 16.96 4.91 7.12
C GLU B 243 16.71 5.33 8.54
N LYS B 244 17.40 6.34 9.03
CA LYS B 244 17.20 6.72 10.43
C LYS B 244 15.87 7.45 10.70
N ILE B 245 15.27 8.08 9.70
CA ILE B 245 14.03 8.83 9.93
C ILE B 245 12.78 8.10 9.42
N GLY B 246 12.86 6.78 9.30
CA GLY B 246 11.67 5.97 9.04
C GLY B 246 11.46 5.60 7.59
N LEU B 247 12.37 6.03 6.72
CA LEU B 247 12.25 5.81 5.28
C LEU B 247 13.25 4.76 4.74
N SER B 248 13.50 4.80 3.47
CA SER B 248 14.21 3.76 2.78
C SER B 248 14.62 4.28 1.42
N VAL B 249 15.45 3.53 0.71
CA VAL B 249 15.77 3.84 -0.70
C VAL B 249 15.19 2.75 -1.57
N PRO B 250 15.05 3.00 -2.88
CA PRO B 250 14.62 1.94 -3.76
C PRO B 250 15.58 0.76 -3.72
N GLN B 251 15.06 -0.46 -3.89
CA GLN B 251 15.89 -1.67 -3.98
C GLN B 251 17.13 -1.49 -4.88
N ILE B 252 16.90 -0.99 -6.08
CA ILE B 252 17.96 -0.88 -7.06
C ILE B 252 19.03 0.11 -6.61
N THR B 253 18.62 1.14 -5.88
CA THR B 253 19.59 2.04 -5.29
C THR B 253 20.42 1.35 -4.20
N SER B 254 19.80 0.53 -3.35
CA SER B 254 20.55 -0.20 -2.34
C SER B 254 21.61 -1.09 -2.98
N LEU B 255 21.22 -1.78 -4.05
CA LEU B 255 22.19 -2.63 -4.77
C LEU B 255 23.39 -1.80 -5.26
N ALA B 256 23.14 -0.68 -5.93
CA ALA B 256 24.22 0.19 -6.47
C ALA B 256 25.15 0.62 -5.34
N ARG B 257 24.56 0.94 -4.20
CA ARG B 257 25.23 1.27 -2.99
C ARG B 257 26.12 0.13 -2.52
N GLU B 258 25.57 -1.08 -2.51
CA GLU B 258 26.30 -2.25 -2.03
C GLU B 258 27.44 -2.65 -2.95
N LEU B 259 27.27 -2.43 -4.27
CA LEU B 259 28.32 -2.70 -5.24
C LEU B 259 29.42 -1.65 -5.13
N ARG B 260 29.05 -0.40 -4.89
CA ARG B 260 30.04 0.65 -4.65
C ARG B 260 30.92 0.33 -3.43
N LYS B 261 30.31 0.00 -2.30
CA LYS B 261 31.08 -0.36 -1.10
C LYS B 261 32.16 -1.41 -1.42
N ARG B 262 31.82 -2.41 -2.22
CA ARG B 262 32.74 -3.48 -2.51
C ARG B 262 33.73 -3.18 -3.65
N GLY B 263 33.78 -1.96 -4.17
CA GLY B 263 34.72 -1.61 -5.22
C GLY B 263 34.22 -1.16 -6.58
N VAL B 264 32.97 -1.43 -6.91
CA VAL B 264 32.48 -1.14 -8.26
C VAL B 264 32.17 0.37 -8.42
N PRO B 265 32.67 1.00 -9.50
CA PRO B 265 32.44 2.43 -9.78
C PRO B 265 31.09 2.75 -10.41
N ILE B 266 30.03 2.46 -9.68
CA ILE B 266 28.65 2.75 -10.08
C ILE B 266 28.20 3.96 -9.26
N PRO B 267 27.43 4.87 -9.84
CA PRO B 267 26.84 5.88 -8.99
C PRO B 267 25.98 5.27 -7.86
N PRO B 268 26.12 5.79 -6.63
CA PRO B 268 25.31 5.31 -5.54
C PRO B 268 23.83 5.79 -5.57
N ASP B 269 23.46 6.61 -6.55
CA ASP B 269 22.13 7.22 -6.64
C ASP B 269 21.46 6.88 -7.96
N VAL B 270 21.75 5.68 -8.43
CA VAL B 270 20.98 5.04 -9.49
C VAL B 270 19.54 4.93 -9.00
N LEU B 271 18.59 5.30 -9.84
CA LEU B 271 17.19 5.31 -9.41
C LEU B 271 16.31 4.25 -10.04
N THR B 272 16.70 3.72 -11.19
CA THR B 272 15.83 2.80 -11.95
C THR B 272 16.60 1.56 -12.41
N ILE B 273 15.89 0.47 -12.69
CA ILE B 273 16.52 -0.70 -13.27
C ILE B 273 17.24 -0.31 -14.58
N GLU B 274 16.58 0.43 -15.46
CA GLU B 274 17.23 0.84 -16.72
C GLU B 274 18.57 1.56 -16.48
N GLU B 275 18.61 2.49 -15.55
CA GLU B 275 19.87 3.18 -15.28
C GLU B 275 20.94 2.26 -14.72
N ALA B 276 20.53 1.34 -13.85
CA ALA B 276 21.46 0.41 -13.26
C ALA B 276 22.06 -0.53 -14.30
N LYS B 277 21.20 -0.99 -15.19
CA LYS B 277 21.58 -1.87 -16.26
C LYS B 277 22.65 -1.19 -17.10
N GLU B 278 22.37 0.04 -17.50
CA GLU B 278 23.23 0.76 -18.38
C GLU B 278 24.62 1.01 -17.77
N HIS B 279 24.66 1.39 -16.49
CA HIS B 279 25.95 1.57 -15.79
C HIS B 279 26.73 0.31 -15.61
N ILE B 280 26.03 -0.76 -15.27
CA ILE B 280 26.71 -2.01 -15.01
C ILE B 280 27.29 -2.55 -16.31
N LEU B 281 26.52 -2.49 -17.37
CA LEU B 281 27.02 -2.98 -18.68
C LEU B 281 28.12 -2.10 -19.19
N ARG B 282 27.99 -0.80 -19.03
CA ARG B 282 29.06 0.10 -19.50
C ARG B 282 30.34 -0.10 -18.73
N TYR B 283 30.25 -0.33 -17.43
CA TYR B 283 31.42 -0.59 -16.64
C TYR B 283 32.10 -1.91 -17.06
N LEU B 284 31.29 -2.90 -17.42
CA LEU B 284 31.84 -4.17 -17.86
C LEU B 284 32.49 -4.03 -19.22
N ARG B 285 31.83 -3.35 -20.15
CA ARG B 285 32.48 -3.11 -21.43
C ARG B 285 33.84 -2.41 -21.31
N GLY B 286 33.99 -1.61 -20.25
CA GLY B 286 35.20 -0.84 -20.03
C GLY B 286 36.33 -1.50 -19.26
N THR B 287 36.24 -2.80 -19.00
CA THR B 287 37.25 -3.46 -18.13
C THR B 287 38.04 -4.53 -18.82
#